data_1GWH
#
_entry.id   1GWH
#
_cell.length_a   106.700
_cell.length_b   106.700
_cell.length_c   106.250
_cell.angle_alpha   90.00
_cell.angle_beta   90.00
_cell.angle_gamma   90.00
#
_symmetry.space_group_name_H-M   'P 42 21 2'
#
loop_
_entity.id
_entity.type
_entity.pdbx_description
1 polymer Catalase
2 non-polymer 'PROTOPORPHYRIN IX CONTAINING FE'
3 non-polymer 'NADPH DIHYDRO-NICOTINAMIDE-ADENINE-DINUCLEOTIDE PHOSPHATE'
4 non-polymer 'SULFATE ION'
5 non-polymer 'ACETATE ION'
6 water water
#
_entity_poly.entity_id   1
_entity_poly.type   'polypeptide(L)'
_entity_poly.pdbx_seq_one_letter_code
;MEHQKTTPHATGSTRQNGAPAVSDRQSLTVGSEGPIVLHDTHLLETHQHFNRMNIPERRPHAKGSGAFGEFEVTEDVSKY
TKALVFQPGTKTETLLRFSTVAGELGSPDTWRDVRGFALRFYTEEGNYDLVGNNTPIFFLRDPMKFTHFIRSQKRLPDSG
LRDATMQWDFWTNNPESAHQVTYLMGPRGLPRTWREMNGYGSHTYLWVNAQGEKHWVKYHFISQQGVHNLSNDEATKIAG
ENADFHRQDLFESIAKGDHPKWDLYIQAIPYEEGKTYRFNPFDLTKTISQKDYPRIKVGTLTLNRNPENHFAQIESAAFS
PSNTVPGIGLSPDRMLLGRAFAYHDAQLYRVGAHVNQLPVNRPKNAVHNYAFEGQMWYDHTGDRSTYVPNSNGDSWSDET
GPVDDGWEADGTLTREAQALRADDDDFGQAGTLVREVFSDQERDDFVETVAGALKGVRQDVQARAFEYWKNVDATIGQRI
EDEVKRHEGDGIPGVEAGGEARI
;
_entity_poly.pdbx_strand_id   A
#
loop_
_chem_comp.id
_chem_comp.type
_chem_comp.name
_chem_comp.formula
ACT non-polymer 'ACETATE ION' 'C2 H3 O2 -1'
HEM non-polymer 'PROTOPORPHYRIN IX CONTAINING FE' 'C34 H32 Fe N4 O4'
NDP non-polymer 'NADPH DIHYDRO-NICOTINAMIDE-ADENINE-DINUCLEOTIDE PHOSPHATE' 'C21 H30 N7 O17 P3'
SO4 non-polymer 'SULFATE ION' 'O4 S -2'
#
# COMPACT_ATOMS: atom_id res chain seq x y z
N THR A 6 12.32 -6.28 -42.49
CA THR A 6 11.63 -7.49 -43.05
C THR A 6 12.67 -8.47 -43.62
N THR A 7 12.51 -9.72 -43.25
CA THR A 7 13.33 -10.79 -43.81
C THR A 7 12.66 -11.32 -45.12
N PRO A 8 13.46 -11.98 -45.99
CA PRO A 8 13.01 -12.52 -47.28
C PRO A 8 11.80 -13.46 -47.25
N HIS A 9 11.67 -14.19 -46.14
CA HIS A 9 10.63 -15.20 -45.98
C HIS A 9 9.60 -14.79 -44.92
N ALA A 10 9.57 -13.50 -44.60
CA ALA A 10 8.71 -12.99 -43.51
C ALA A 10 7.23 -13.23 -43.85
N THR A 11 6.40 -13.39 -42.82
CA THR A 11 4.97 -13.60 -43.01
C THR A 11 4.07 -12.64 -42.23
N GLY A 12 4.65 -11.73 -41.44
CA GLY A 12 3.89 -10.77 -40.68
C GLY A 12 4.07 -10.87 -39.16
N SER A 13 4.65 -11.98 -38.70
CA SER A 13 4.92 -12.15 -37.28
C SER A 13 5.90 -13.31 -37.14
N THR A 14 6.47 -13.47 -35.95
CA THR A 14 7.46 -14.53 -35.72
C THR A 14 7.06 -15.44 -34.56
N ARG A 15 7.75 -16.59 -34.47
CA ARG A 15 7.76 -17.39 -33.26
C ARG A 15 8.74 -16.76 -32.29
N GLN A 16 8.96 -17.43 -31.16
CA GLN A 16 9.82 -16.89 -30.13
C GLN A 16 11.30 -16.88 -30.56
N ASN A 17 11.68 -17.71 -31.50
CA ASN A 17 13.06 -17.72 -31.98
C ASN A 17 13.35 -16.72 -33.11
N GLY A 18 12.36 -15.92 -33.47
CA GLY A 18 12.47 -14.95 -34.54
C GLY A 18 12.14 -15.46 -35.94
N ALA A 19 11.89 -16.75 -36.09
CA ALA A 19 11.51 -17.29 -37.40
C ALA A 19 10.04 -16.95 -37.71
N PRO A 20 9.73 -16.77 -38.98
CA PRO A 20 8.35 -16.47 -39.40
C PRO A 20 7.33 -17.49 -38.84
N ALA A 21 6.20 -16.99 -38.35
CA ALA A 21 5.23 -17.83 -37.66
C ALA A 21 4.28 -18.55 -38.62
N VAL A 22 4.17 -18.03 -39.85
CA VAL A 22 3.34 -18.60 -40.93
C VAL A 22 1.86 -18.28 -40.75
N SER A 23 1.29 -18.61 -39.60
CA SER A 23 -0.09 -18.24 -39.31
C SER A 23 -0.34 -18.02 -37.82
N ASP A 24 -1.00 -16.92 -37.51
CA ASP A 24 -1.57 -16.63 -36.19
C ASP A 24 -3.07 -16.98 -36.12
N ARG A 25 -3.58 -17.70 -37.14
CA ARG A 25 -5.00 -17.92 -37.27
C ARG A 25 -5.49 -19.35 -37.53
N GLN A 26 -4.62 -20.24 -37.97
CA GLN A 26 -5.02 -21.63 -38.26
C GLN A 26 -3.89 -22.56 -37.74
N SER A 27 -4.32 -23.69 -37.20
CA SER A 27 -3.41 -24.72 -36.71
C SER A 27 -2.95 -25.66 -37.82
N LEU A 28 -1.90 -26.43 -37.52
CA LEU A 28 -1.30 -27.32 -38.48
C LEU A 28 -1.99 -28.67 -38.42
N THR A 29 -2.70 -29.04 -39.50
CA THR A 29 -3.47 -30.27 -39.53
C THR A 29 -3.10 -31.18 -40.71
N VAL A 30 -3.49 -32.44 -40.61
CA VAL A 30 -3.33 -33.43 -41.70
C VAL A 30 -4.52 -33.28 -42.63
N GLY A 31 -4.35 -32.43 -43.63
CA GLY A 31 -5.47 -32.06 -44.49
C GLY A 31 -6.39 -31.10 -43.75
N SER A 32 -7.34 -30.53 -44.49
CA SER A 32 -8.28 -29.62 -43.84
C SER A 32 -9.13 -30.28 -42.76
N GLU A 33 -9.42 -31.57 -42.91
CA GLU A 33 -10.33 -32.26 -42.02
C GLU A 33 -9.66 -33.08 -40.93
N GLY A 34 -8.33 -33.08 -40.91
CA GLY A 34 -7.59 -33.97 -40.06
C GLY A 34 -7.19 -33.39 -38.71
N PRO A 35 -6.55 -34.21 -37.89
CA PRO A 35 -6.19 -33.78 -36.56
C PRO A 35 -5.05 -32.79 -36.57
N ILE A 36 -4.91 -32.09 -35.46
CA ILE A 36 -3.75 -31.22 -35.24
C ILE A 36 -2.55 -32.09 -34.90
N VAL A 37 -1.40 -31.78 -35.46
CA VAL A 37 -0.18 -32.54 -35.21
C VAL A 37 0.55 -31.97 -33.99
N LEU A 38 1.31 -32.84 -33.29
CA LEU A 38 2.07 -32.42 -32.12
C LEU A 38 3.08 -31.31 -32.43
N HIS A 39 3.63 -31.28 -33.64
CA HIS A 39 4.70 -30.36 -34.00
C HIS A 39 4.23 -29.00 -34.54
N ASP A 40 2.99 -28.60 -34.22
CA ASP A 40 2.57 -27.22 -34.42
C ASP A 40 3.18 -26.40 -33.30
N THR A 41 4.43 -26.05 -33.51
CA THR A 41 5.22 -25.40 -32.46
C THR A 41 4.74 -23.96 -32.18
N HIS A 42 4.13 -23.31 -33.16
CA HIS A 42 3.59 -21.99 -32.93
C HIS A 42 2.31 -22.06 -32.05
N LEU A 43 1.47 -23.07 -32.27
CA LEU A 43 0.33 -23.30 -31.44
C LEU A 43 0.82 -23.57 -30.00
N LEU A 44 1.81 -24.44 -29.86
CA LEU A 44 2.34 -24.77 -28.55
C LEU A 44 2.96 -23.59 -27.82
N GLU A 45 3.80 -22.82 -28.52
CA GLU A 45 4.44 -21.69 -27.85
C GLU A 45 3.40 -20.69 -27.40
N THR A 46 2.48 -20.36 -28.28
CA THR A 46 1.49 -19.31 -27.95
C THR A 46 0.55 -19.74 -26.82
N HIS A 47 0.10 -20.99 -26.83
CA HIS A 47 -0.73 -21.51 -25.75
C HIS A 47 0.01 -21.68 -24.45
N GLN A 48 1.23 -22.18 -24.51
CA GLN A 48 1.99 -22.36 -23.27
C GLN A 48 2.30 -21.00 -22.64
N HIS A 49 2.49 -19.98 -23.46
CA HIS A 49 2.68 -18.68 -22.87
C HIS A 49 1.39 -18.07 -22.30
N PHE A 50 0.30 -18.21 -23.05
CA PHE A 50 -1.02 -17.78 -22.60
C PHE A 50 -1.31 -18.39 -21.23
N ASN A 51 -0.97 -19.66 -21.07
CA ASN A 51 -1.22 -20.40 -19.82
C ASN A 51 -0.37 -19.96 -18.64
N ARG A 52 0.63 -19.13 -18.89
CA ARG A 52 1.57 -18.63 -17.89
C ARG A 52 1.60 -17.11 -17.85
N MET A 53 0.58 -16.46 -18.43
CA MET A 53 0.46 -15.01 -18.39
C MET A 53 0.12 -14.47 -17.00
N ASN A 54 -0.78 -15.18 -16.29
CA ASN A 54 -1.22 -14.73 -14.99
C ASN A 54 -0.15 -14.98 -13.95
N ILE A 55 -0.01 -14.02 -13.07
CA ILE A 55 0.84 -14.18 -11.91
C ILE A 55 0.00 -14.01 -10.66
N PRO A 56 0.49 -14.50 -9.53
CA PRO A 56 -0.28 -14.33 -8.30
C PRO A 56 -0.57 -12.84 -8.08
N GLU A 57 -1.80 -12.50 -7.74
CA GLU A 57 -2.13 -11.12 -7.42
C GLU A 57 -1.47 -10.75 -6.10
N ARG A 58 -1.26 -9.45 -5.89
CA ARG A 58 -0.78 -8.99 -4.58
C ARG A 58 -1.74 -9.40 -3.45
N ARG A 59 -1.16 -9.72 -2.32
CA ARG A 59 -1.91 -9.90 -1.11
C ARG A 59 -1.28 -9.00 -0.04
N PRO A 60 -1.93 -7.96 0.45
CA PRO A 60 -3.18 -7.42 -0.08
C PRO A 60 -2.86 -6.38 -1.17
N HIS A 61 -3.84 -5.56 -1.50
CA HIS A 61 -3.73 -4.50 -2.50
C HIS A 61 -3.65 -4.98 -3.95
N ALA A 62 -4.35 -6.07 -4.23
CA ALA A 62 -4.43 -6.62 -5.58
C ALA A 62 -4.94 -5.64 -6.65
N LYS A 63 -6.00 -4.88 -6.34
CA LYS A 63 -6.66 -4.02 -7.32
C LYS A 63 -6.11 -2.61 -7.28
N GLY A 64 -5.49 -2.18 -8.38
CA GLY A 64 -4.85 -0.89 -8.41
C GLY A 64 -4.39 -0.46 -9.78
N SER A 65 -3.90 0.77 -9.82
CA SER A 65 -3.28 1.31 -11.04
C SER A 65 -2.38 2.47 -10.67
N GLY A 66 -1.67 3.05 -11.61
CA GLY A 66 -0.78 4.13 -11.25
C GLY A 66 -0.29 4.92 -12.43
N ALA A 67 0.69 5.77 -12.16
CA ALA A 67 1.22 6.70 -13.13
C ALA A 67 2.60 7.14 -12.70
N PHE A 68 3.35 7.67 -13.65
CA PHE A 68 4.66 8.26 -13.35
C PHE A 68 4.53 9.79 -13.16
N GLY A 69 5.50 10.36 -12.50
CA GLY A 69 5.50 11.78 -12.24
C GLY A 69 6.84 12.27 -11.81
N GLU A 70 6.81 13.34 -11.05
CA GLU A 70 8.02 14.04 -10.61
C GLU A 70 7.75 14.66 -9.24
N PHE A 71 8.79 14.65 -8.40
CA PHE A 71 8.77 15.33 -7.13
C PHE A 71 9.82 16.45 -7.16
N GLU A 72 9.39 17.65 -6.77
CA GLU A 72 10.30 18.80 -6.69
C GLU A 72 10.37 19.31 -5.25
N VAL A 73 11.58 19.42 -4.72
CA VAL A 73 11.83 19.99 -3.42
C VAL A 73 11.81 21.53 -3.57
N THR A 74 10.98 22.19 -2.79
CA THR A 74 10.85 23.67 -2.87
C THR A 74 11.24 24.35 -1.57
N GLU A 75 11.54 23.58 -0.53
CA GLU A 75 11.96 24.15 0.75
C GLU A 75 13.29 23.54 1.13
N ASP A 76 13.90 24.07 2.19
CA ASP A 76 15.18 23.60 2.68
C ASP A 76 15.00 22.83 3.97
N VAL A 77 15.11 21.51 3.85
CA VAL A 77 15.05 20.61 5.00
C VAL A 77 16.38 19.85 5.22
N SER A 78 17.49 20.43 4.74
CA SER A 78 18.82 19.81 4.77
C SER A 78 19.27 19.65 6.22
N LYS A 79 18.75 20.49 7.12
CA LYS A 79 19.06 20.36 8.53
C LYS A 79 18.50 19.06 9.17
N TYR A 80 17.48 18.47 8.57
CA TYR A 80 16.88 17.24 9.08
C TYR A 80 17.38 15.96 8.40
N THR A 81 17.74 16.05 7.11
CA THR A 81 18.23 14.88 6.39
C THR A 81 19.31 15.17 5.36
N LYS A 82 20.19 14.20 5.20
CA LYS A 82 21.23 14.18 4.18
C LYS A 82 20.79 13.46 2.91
N ALA A 83 19.57 12.91 2.88
CA ALA A 83 19.09 12.17 1.71
C ALA A 83 19.10 13.03 0.49
N LEU A 84 19.72 12.55 -0.57
CA LEU A 84 19.86 13.36 -1.80
C LEU A 84 18.54 13.80 -2.38
N VAL A 85 17.56 12.91 -2.32
CA VAL A 85 16.23 13.15 -2.87
C VAL A 85 15.55 14.39 -2.27
N PHE A 86 15.91 14.74 -1.05
CA PHE A 86 15.23 15.87 -0.36
C PHE A 86 16.15 17.08 -0.15
N GLN A 87 17.24 17.14 -0.90
CA GLN A 87 18.14 18.28 -0.82
C GLN A 87 17.55 19.42 -1.63
N PRO A 88 17.89 20.65 -1.25
CA PRO A 88 17.30 21.83 -1.91
C PRO A 88 17.33 21.78 -3.40
N GLY A 89 16.20 22.08 -4.01
CA GLY A 89 16.07 22.20 -5.45
C GLY A 89 16.01 20.89 -6.24
N THR A 90 16.10 19.74 -5.59
CA THR A 90 16.17 18.48 -6.30
C THR A 90 14.84 18.06 -6.92
N LYS A 91 14.90 17.64 -8.16
CA LYS A 91 13.77 17.07 -8.86
C LYS A 91 14.06 15.61 -9.14
N THR A 92 13.08 14.76 -8.85
CA THR A 92 13.25 13.31 -8.92
C THR A 92 12.03 12.68 -9.63
N GLU A 93 12.28 11.78 -10.58
CA GLU A 93 11.25 10.99 -11.21
C GLU A 93 10.59 10.06 -10.18
N THR A 94 9.28 9.91 -10.32
CA THR A 94 8.49 9.04 -9.41
C THR A 94 7.56 8.09 -10.17
N LEU A 95 7.11 7.09 -9.44
CA LEU A 95 6.07 6.15 -9.84
C LEU A 95 5.16 6.00 -8.62
N LEU A 96 3.85 6.08 -8.84
CA LEU A 96 2.90 5.97 -7.77
C LEU A 96 1.86 4.94 -8.17
N ARG A 97 1.65 3.91 -7.35
CA ARG A 97 0.52 2.99 -7.51
C ARG A 97 -0.48 3.17 -6.41
N PHE A 98 -1.73 3.34 -6.82
CA PHE A 98 -2.87 3.42 -5.91
C PHE A 98 -3.59 2.08 -5.92
N SER A 99 -4.33 1.80 -4.86
CA SER A 99 -4.94 0.51 -4.73
C SER A 99 -6.02 0.49 -3.64
N THR A 100 -6.90 -0.52 -3.71
CA THR A 100 -7.64 -0.86 -2.50
C THR A 100 -6.84 -1.92 -1.73
N VAL A 101 -7.41 -2.53 -0.70
CA VAL A 101 -6.71 -3.52 0.13
C VAL A 101 -7.25 -4.94 0.01
N ALA A 102 -8.55 -5.12 0.24
CA ALA A 102 -9.12 -6.47 0.42
C ALA A 102 -9.46 -7.21 -0.87
N GLY A 103 -9.98 -6.46 -1.83
CA GLY A 103 -10.53 -7.05 -3.03
C GLY A 103 -9.46 -7.60 -3.95
N GLU A 104 -9.88 -8.58 -4.74
CA GLU A 104 -9.00 -9.27 -5.67
C GLU A 104 -8.90 -8.48 -6.99
N LEU A 105 -8.12 -9.02 -7.91
N LEU A 105 -8.15 -9.06 -7.89
CA LEU A 105 -7.74 -8.36 -9.19
CA LEU A 105 -8.07 -8.58 -9.26
C LEU A 105 -8.81 -7.68 -10.01
C LEU A 105 -9.48 -8.50 -9.83
N GLY A 106 -10.03 -8.22 -9.97
N GLY A 106 -9.77 -7.39 -10.48
CA GLY A 106 -11.13 -7.74 -10.79
CA GLY A 106 -11.09 -7.17 -11.01
C GLY A 106 -12.26 -7.14 -10.00
C GLY A 106 -12.21 -6.79 -10.05
N SER A 107 -12.01 -6.86 -8.72
CA SER A 107 -13.01 -6.35 -7.80
C SER A 107 -13.25 -4.85 -8.05
N PRO A 108 -14.46 -4.36 -7.79
CA PRO A 108 -14.73 -2.95 -8.03
C PRO A 108 -13.85 -1.98 -7.24
N ASP A 109 -13.49 -0.89 -7.89
CA ASP A 109 -12.67 0.13 -7.26
C ASP A 109 -13.39 0.84 -6.12
N THR A 110 -14.73 0.93 -6.15
CA THR A 110 -15.42 1.76 -5.19
C THR A 110 -16.02 1.04 -3.99
N TRP A 111 -15.41 -0.07 -3.57
CA TRP A 111 -15.72 -0.66 -2.31
C TRP A 111 -15.21 0.22 -1.16
N ARG A 112 -15.89 0.18 -0.02
CA ARG A 112 -15.39 0.85 1.18
C ARG A 112 -14.16 0.08 1.66
N ASP A 113 -13.06 0.81 1.79
CA ASP A 113 -11.78 0.21 2.10
C ASP A 113 -10.72 1.28 2.34
N VAL A 114 -9.60 0.85 2.86
CA VAL A 114 -8.37 1.66 2.84
C VAL A 114 -7.87 1.72 1.41
N ARG A 115 -7.20 2.80 1.05
CA ARG A 115 -6.49 2.89 -0.21
C ARG A 115 -4.97 2.99 0.02
N GLY A 116 -4.25 2.31 -0.83
CA GLY A 116 -2.81 2.34 -0.86
C GLY A 116 -2.32 3.56 -1.64
N PHE A 117 -1.14 4.02 -1.26
CA PHE A 117 -0.49 5.19 -1.80
C PHE A 117 1.01 4.85 -1.85
N ALA A 118 1.39 4.11 -2.86
CA ALA A 118 2.76 3.53 -2.92
C ALA A 118 3.61 4.37 -3.86
N LEU A 119 4.62 5.02 -3.31
CA LEU A 119 5.38 6.04 -4.04
C LEU A 119 6.87 5.68 -4.11
N ARG A 120 7.40 5.61 -5.32
CA ARG A 120 8.80 5.37 -5.51
C ARG A 120 9.47 6.65 -6.06
N PHE A 121 10.62 6.96 -5.52
CA PHE A 121 11.48 8.04 -6.02
C PHE A 121 12.71 7.37 -6.58
N TYR A 122 13.01 7.64 -7.85
CA TYR A 122 14.19 7.11 -8.50
C TYR A 122 15.38 8.04 -8.25
N THR A 123 16.01 7.89 -7.10
CA THR A 123 17.02 8.84 -6.63
C THR A 123 18.38 8.47 -7.17
N GLU A 124 19.29 9.43 -7.07
CA GLU A 124 20.71 9.22 -7.45
C GLU A 124 21.48 8.26 -6.57
N GLU A 125 20.92 7.92 -5.42
CA GLU A 125 21.53 6.99 -4.48
C GLU A 125 20.61 5.78 -4.20
N GLY A 126 19.83 5.44 -5.18
CA GLY A 126 18.95 4.29 -5.12
C GLY A 126 17.47 4.60 -5.18
N ASN A 127 16.68 3.54 -5.32
CA ASN A 127 15.25 3.71 -5.32
C ASN A 127 14.77 3.85 -3.89
N TYR A 128 14.07 4.93 -3.60
CA TYR A 128 13.54 5.18 -2.28
C TYR A 128 12.01 4.96 -2.36
N ASP A 129 11.51 3.96 -1.63
CA ASP A 129 10.06 3.68 -1.68
C ASP A 129 9.41 4.12 -0.38
N LEU A 130 8.38 4.95 -0.51
CA LEU A 130 7.57 5.41 0.59
C LEU A 130 6.21 4.76 0.33
N VAL A 131 5.98 3.64 1.00
CA VAL A 131 4.81 2.81 0.71
C VAL A 131 3.76 3.13 1.77
N GLY A 132 2.88 4.04 1.42
CA GLY A 132 1.90 4.60 2.33
C GLY A 132 0.49 4.14 2.06
N ASN A 133 -0.44 4.72 2.80
CA ASN A 133 -1.87 4.55 2.63
C ASN A 133 -2.56 5.90 2.61
N ASN A 134 -3.87 5.91 2.44
CA ASN A 134 -4.64 7.15 2.52
C ASN A 134 -5.13 7.51 3.94
N THR A 135 -4.44 6.97 4.93
CA THR A 135 -4.70 7.22 6.33
C THR A 135 -3.37 7.33 7.08
N PRO A 136 -3.30 8.19 8.10
CA PRO A 136 -2.07 8.29 8.90
C PRO A 136 -1.87 7.19 9.93
N ILE A 137 -2.89 6.34 10.13
CA ILE A 137 -2.79 5.27 11.13
C ILE A 137 -3.15 3.93 10.49
N PHE A 138 -3.03 2.86 11.26
CA PHE A 138 -3.50 1.56 10.82
C PHE A 138 -4.24 0.88 11.95
N PHE A 139 -4.80 -0.28 11.63
CA PHE A 139 -5.62 -1.02 12.58
C PHE A 139 -4.88 -1.73 13.70
N LEU A 140 -3.57 -1.93 13.54
CA LEU A 140 -2.78 -2.79 14.41
C LEU A 140 -1.42 -2.22 14.72
N ARG A 141 -0.84 -2.68 15.83
CA ARG A 141 0.49 -2.23 16.25
C ARG A 141 1.56 -3.33 16.37
N ASP A 142 1.23 -4.55 16.00
CA ASP A 142 2.22 -5.68 15.97
C ASP A 142 1.97 -6.54 14.71
N PRO A 143 3.00 -6.83 13.92
CA PRO A 143 2.80 -7.52 12.64
C PRO A 143 2.32 -8.96 12.74
N MET A 144 2.41 -9.56 13.92
CA MET A 144 1.90 -10.93 14.11
C MET A 144 0.38 -10.96 13.82
N LYS A 145 -0.29 -9.81 14.06
CA LYS A 145 -1.76 -9.74 13.88
C LYS A 145 -2.21 -9.46 12.46
N PHE A 146 -1.26 -9.08 11.61
CA PHE A 146 -1.59 -8.59 10.27
C PHE A 146 -2.19 -9.67 9.36
N THR A 147 -1.65 -10.87 9.46
CA THR A 147 -2.10 -11.97 8.63
C THR A 147 -3.57 -12.27 8.96
N HIS A 148 -3.84 -12.34 10.25
CA HIS A 148 -5.22 -12.53 10.75
C HIS A 148 -6.17 -11.47 10.28
N PHE A 149 -5.75 -10.22 10.38
CA PHE A 149 -6.56 -9.09 9.94
C PHE A 149 -6.94 -9.22 8.47
N ILE A 150 -5.95 -9.42 7.61
CA ILE A 150 -6.24 -9.46 6.18
C ILE A 150 -7.15 -10.65 5.84
N ARG A 151 -6.87 -11.79 6.44
CA ARG A 151 -7.72 -12.93 6.18
C ARG A 151 -9.17 -12.62 6.63
N SER A 152 -9.34 -11.90 7.75
CA SER A 152 -10.69 -11.51 8.21
C SER A 152 -11.42 -10.57 7.25
N GLN A 153 -10.65 -9.80 6.49
CA GLN A 153 -11.19 -8.89 5.51
C GLN A 153 -11.52 -9.53 4.18
N LYS A 154 -11.12 -10.77 4.00
CA LYS A 154 -11.30 -11.48 2.73
C LYS A 154 -12.44 -12.47 2.88
N ARG A 155 -12.28 -13.76 2.58
CA ARG A 155 -13.45 -14.60 2.41
C ARG A 155 -13.53 -15.75 3.35
N LEU A 156 -14.76 -16.17 3.62
CA LEU A 156 -14.97 -17.34 4.46
C LEU A 156 -14.41 -18.59 3.77
N PRO A 157 -13.85 -19.50 4.57
CA PRO A 157 -13.20 -20.66 4.01
C PRO A 157 -14.14 -21.62 3.28
N ASP A 158 -15.40 -21.72 3.67
CA ASP A 158 -16.33 -22.66 3.00
C ASP A 158 -17.06 -22.03 1.82
N SER A 159 -17.69 -20.89 2.02
CA SER A 159 -18.57 -20.31 1.01
C SER A 159 -17.83 -19.39 0.06
N GLY A 160 -16.67 -18.91 0.47
CA GLY A 160 -15.95 -17.96 -0.39
C GLY A 160 -16.53 -16.57 -0.46
N LEU A 161 -17.32 -16.19 0.56
CA LEU A 161 -17.93 -14.87 0.63
C LEU A 161 -17.26 -13.99 1.65
N ARG A 162 -17.23 -12.70 1.38
CA ARG A 162 -16.83 -11.73 2.40
C ARG A 162 -17.96 -11.70 3.46
N ASP A 163 -17.60 -11.43 4.70
CA ASP A 163 -18.57 -11.53 5.77
C ASP A 163 -18.28 -10.53 6.87
N ALA A 164 -19.22 -9.63 7.08
CA ALA A 164 -19.09 -8.61 8.11
C ALA A 164 -18.98 -9.21 9.49
N THR A 165 -19.60 -10.36 9.74
CA THR A 165 -19.45 -10.99 11.05
C THR A 165 -18.01 -11.33 11.35
N MET A 166 -17.29 -11.87 10.38
CA MET A 166 -15.88 -12.16 10.55
C MET A 166 -15.09 -10.85 10.76
N GLN A 167 -15.40 -9.80 10.01
CA GLN A 167 -14.68 -8.54 10.11
C GLN A 167 -14.83 -7.92 11.51
N TRP A 168 -16.06 -7.85 11.99
CA TRP A 168 -16.35 -7.33 13.34
C TRP A 168 -15.89 -8.22 14.49
N ASP A 169 -15.90 -9.52 14.31
CA ASP A 169 -15.36 -10.43 15.30
C ASP A 169 -13.86 -10.08 15.51
N PHE A 170 -13.13 -9.93 14.41
CA PHE A 170 -11.74 -9.57 14.51
C PHE A 170 -11.57 -8.19 15.15
N TRP A 171 -12.29 -7.19 14.65
CA TRP A 171 -12.07 -5.81 15.11
C TRP A 171 -12.42 -5.67 16.58
N THR A 172 -13.55 -6.25 17.01
CA THR A 172 -13.96 -6.10 18.41
C THR A 172 -13.07 -6.87 19.38
N ASN A 173 -12.38 -7.92 18.91
CA ASN A 173 -11.43 -8.66 19.72
C ASN A 173 -10.02 -8.10 19.70
N ASN A 174 -9.83 -7.04 18.91
CA ASN A 174 -8.55 -6.36 18.80
C ASN A 174 -8.82 -4.84 18.90
N PRO A 175 -9.13 -4.36 20.09
CA PRO A 175 -9.57 -2.99 20.28
C PRO A 175 -8.58 -1.92 19.84
N GLU A 176 -7.32 -2.27 19.65
CA GLU A 176 -6.34 -1.35 19.07
C GLU A 176 -6.79 -0.83 17.69
N SER A 177 -7.71 -1.57 17.08
CA SER A 177 -8.25 -1.23 15.76
C SER A 177 -9.14 0.01 15.73
N ALA A 178 -9.57 0.51 16.89
CA ALA A 178 -10.66 1.50 16.94
C ALA A 178 -10.36 2.80 16.20
N HIS A 179 -9.11 3.29 16.30
CA HIS A 179 -8.76 4.57 15.69
C HIS A 179 -8.96 4.47 14.18
N GLN A 180 -8.40 3.43 13.58
CA GLN A 180 -8.50 3.24 12.10
C GLN A 180 -9.91 2.82 11.63
N VAL A 181 -10.63 2.01 12.41
CA VAL A 181 -11.99 1.63 12.04
C VAL A 181 -12.88 2.86 12.02
N THR A 182 -12.67 3.77 12.96
CA THR A 182 -13.37 5.05 12.94
C THR A 182 -13.08 5.84 11.67
N TYR A 183 -11.82 5.92 11.29
CA TYR A 183 -11.43 6.62 10.08
C TYR A 183 -12.08 5.98 8.84
N LEU A 184 -12.01 4.66 8.76
CA LEU A 184 -12.56 3.90 7.63
C LEU A 184 -14.09 4.08 7.47
N MET A 185 -14.80 4.08 8.61
CA MET A 185 -16.27 4.18 8.61
C MET A 185 -16.74 5.59 8.42
N GLY A 186 -15.84 6.57 8.55
CA GLY A 186 -16.16 7.94 8.30
C GLY A 186 -16.13 8.28 6.82
N PRO A 187 -16.19 9.54 6.48
CA PRO A 187 -16.28 9.97 5.08
C PRO A 187 -15.17 9.43 4.20
N ARG A 188 -13.97 9.35 4.74
CA ARG A 188 -12.80 9.00 3.92
C ARG A 188 -12.69 7.53 3.54
N GLY A 189 -13.61 6.67 3.99
CA GLY A 189 -13.64 5.28 3.53
C GLY A 189 -13.98 5.06 2.07
N LEU A 190 -14.49 6.11 1.41
CA LEU A 190 -14.93 6.08 0.02
C LEU A 190 -14.45 7.32 -0.76
N PRO A 191 -13.17 7.36 -1.14
CA PRO A 191 -12.67 8.46 -1.98
C PRO A 191 -13.41 8.56 -3.30
N ARG A 192 -13.71 9.77 -3.77
CA ARG A 192 -14.38 9.91 -5.06
C ARG A 192 -13.44 9.49 -6.16
N THR A 193 -12.19 9.95 -6.07
CA THR A 193 -11.12 9.56 -6.96
C THR A 193 -9.84 9.46 -6.16
N TRP A 194 -8.84 8.83 -6.73
CA TRP A 194 -7.52 8.81 -6.10
C TRP A 194 -6.86 10.17 -6.07
N ARG A 195 -7.25 11.04 -7.00
CA ARG A 195 -6.75 12.42 -7.08
C ARG A 195 -7.25 13.27 -5.92
N GLU A 196 -8.35 12.83 -5.30
CA GLU A 196 -9.07 13.57 -4.26
C GLU A 196 -9.03 12.89 -2.89
N MET A 197 -7.84 12.42 -2.57
CA MET A 197 -7.51 11.79 -1.31
C MET A 197 -6.08 12.15 -0.94
N ASN A 198 -5.82 12.20 0.35
CA ASN A 198 -4.49 12.44 0.87
C ASN A 198 -3.74 11.12 0.96
N GLY A 199 -2.42 11.22 0.98
CA GLY A 199 -1.54 10.09 1.25
C GLY A 199 -0.70 10.34 2.48
N TYR A 200 -0.30 9.26 3.14
CA TYR A 200 0.45 9.38 4.40
C TYR A 200 1.44 8.25 4.50
N GLY A 201 2.58 8.51 5.11
CA GLY A 201 3.51 7.45 5.39
C GLY A 201 3.02 6.54 6.50
N SER A 202 2.18 7.11 7.38
CA SER A 202 1.60 6.47 8.58
C SER A 202 2.63 6.26 9.68
N HIS A 203 3.64 5.44 9.40
CA HIS A 203 4.69 5.19 10.36
C HIS A 203 5.58 6.41 10.59
N THR A 204 6.14 6.44 11.78
CA THR A 204 7.35 7.23 12.08
C THR A 204 8.55 6.60 11.39
N TYR A 205 9.28 7.41 10.65
CA TYR A 205 10.56 7.05 10.08
C TYR A 205 11.68 7.84 10.75
N LEU A 206 12.91 7.45 10.50
CA LEU A 206 14.07 8.16 11.05
C LEU A 206 14.70 8.99 9.92
N TRP A 207 14.96 10.27 10.17
CA TRP A 207 15.80 11.07 9.27
C TRP A 207 17.13 11.38 9.98
N VAL A 208 18.24 11.31 9.24
CA VAL A 208 19.57 11.52 9.75
C VAL A 208 20.23 12.58 8.87
N ASN A 209 20.79 13.62 9.49
CA ASN A 209 21.42 14.68 8.73
C ASN A 209 22.90 14.43 8.56
N ALA A 210 23.58 15.36 7.89
CA ALA A 210 24.97 15.17 7.52
C ALA A 210 25.91 15.06 8.72
N GLN A 211 25.52 15.69 9.81
CA GLN A 211 26.24 15.64 11.08
C GLN A 211 25.87 14.43 11.97
N GLY A 212 24.94 13.58 11.54
CA GLY A 212 24.53 12.41 12.33
C GLY A 212 23.38 12.66 13.30
N GLU A 213 22.82 13.87 13.30
CA GLU A 213 21.71 14.19 14.20
C GLU A 213 20.43 13.55 13.65
N LYS A 214 19.62 13.05 14.55
CA LYS A 214 18.44 12.25 14.19
C LYS A 214 17.12 12.91 14.54
N HIS A 215 16.17 12.82 13.63
CA HIS A 215 14.80 13.23 13.93
C HIS A 215 13.88 12.09 13.53
N TRP A 216 12.83 11.91 14.30
CA TRP A 216 11.70 11.04 13.94
C TRP A 216 10.75 11.85 13.07
N VAL A 217 10.28 11.28 11.96
CA VAL A 217 9.48 12.03 11.00
C VAL A 217 8.19 11.29 10.63
N LYS A 218 7.13 12.08 10.44
CA LYS A 218 5.92 11.65 9.78
C LYS A 218 5.76 12.38 8.43
N TYR A 219 5.32 11.62 7.43
CA TYR A 219 5.03 12.15 6.12
C TYR A 219 3.52 12.33 5.85
N HIS A 220 3.18 13.49 5.27
CA HIS A 220 1.83 13.83 4.92
C HIS A 220 1.79 14.38 3.52
N PHE A 221 1.03 13.74 2.61
CA PHE A 221 0.85 14.21 1.24
C PHE A 221 -0.57 14.76 1.11
N ILE A 222 -0.65 16.07 1.03
CA ILE A 222 -1.91 16.77 1.05
C ILE A 222 -2.30 17.10 -0.37
N SER A 223 -3.43 16.54 -0.80
CA SER A 223 -3.91 16.70 -2.15
C SER A 223 -4.24 18.17 -2.50
N GLN A 224 -3.71 18.66 -3.62
CA GLN A 224 -4.10 20.00 -4.10
C GLN A 224 -5.47 19.99 -4.73
N GLN A 225 -6.04 18.79 -4.96
CA GLN A 225 -7.40 18.69 -5.48
C GLN A 225 -8.48 18.59 -4.37
N GLY A 226 -8.05 18.62 -3.13
CA GLY A 226 -8.92 18.47 -1.99
C GLY A 226 -9.28 17.02 -1.70
N VAL A 227 -10.00 16.82 -0.61
CA VAL A 227 -10.44 15.51 -0.19
C VAL A 227 -11.94 15.45 -0.49
N HIS A 228 -12.37 14.57 -1.40
CA HIS A 228 -13.77 14.45 -1.79
C HIS A 228 -14.14 12.99 -1.76
N ASN A 229 -15.31 12.69 -1.23
CA ASN A 229 -15.73 11.32 -0.97
C ASN A 229 -17.11 11.05 -1.54
N LEU A 230 -17.42 9.78 -1.63
CA LEU A 230 -18.72 9.32 -2.11
C LEU A 230 -19.56 8.83 -0.93
N SER A 231 -20.87 8.84 -1.10
CA SER A 231 -21.74 8.18 -0.16
C SER A 231 -21.73 6.66 -0.39
N ASN A 232 -22.18 5.89 0.59
CA ASN A 232 -22.31 4.44 0.39
C ASN A 232 -23.16 4.14 -0.85
N ASP A 233 -24.28 4.83 -0.99
CA ASP A 233 -25.20 4.56 -2.11
C ASP A 233 -24.56 4.88 -3.47
N GLU A 234 -23.88 6.01 -3.55
CA GLU A 234 -23.23 6.37 -4.79
C GLU A 234 -22.12 5.35 -5.17
N ALA A 235 -21.31 4.94 -4.20
CA ALA A 235 -20.21 4.03 -4.44
C ALA A 235 -20.73 2.66 -4.87
N THR A 236 -21.84 2.23 -4.28
CA THR A 236 -22.49 0.99 -4.70
C THR A 236 -22.95 1.07 -6.16
N LYS A 237 -23.56 2.19 -6.53
CA LYS A 237 -24.03 2.36 -7.90
C LYS A 237 -22.88 2.30 -8.89
N ILE A 238 -21.80 3.00 -8.58
CA ILE A 238 -20.62 3.00 -9.42
C ILE A 238 -19.97 1.62 -9.52
N ALA A 239 -19.98 0.84 -8.44
CA ALA A 239 -19.40 -0.47 -8.47
C ALA A 239 -20.04 -1.34 -9.56
N GLY A 240 -21.35 -1.17 -9.76
CA GLY A 240 -22.08 -1.88 -10.79
C GLY A 240 -21.83 -1.34 -12.17
N GLU A 241 -21.84 -0.02 -12.30
CA GLU A 241 -21.75 0.63 -13.60
C GLU A 241 -20.36 0.65 -14.18
N ASN A 242 -19.35 0.74 -13.32
CA ASN A 242 -17.98 0.85 -13.74
C ASN A 242 -17.05 0.40 -12.62
N ALA A 243 -16.71 -0.88 -12.66
CA ALA A 243 -15.88 -1.50 -11.64
C ALA A 243 -14.45 -0.94 -11.63
N ASP A 244 -14.09 -0.21 -12.68
CA ASP A 244 -12.73 0.35 -12.78
C ASP A 244 -12.78 1.86 -12.81
N PHE A 245 -13.73 2.41 -12.07
CA PHE A 245 -13.94 3.87 -12.09
C PHE A 245 -12.66 4.69 -11.74
N HIS A 246 -11.94 4.29 -10.69
CA HIS A 246 -10.74 5.01 -10.24
C HIS A 246 -9.58 4.87 -11.23
N ARG A 247 -9.40 3.66 -11.77
CA ARG A 247 -8.37 3.37 -12.74
C ARG A 247 -8.58 4.21 -14.00
N GLN A 248 -9.82 4.24 -14.44
CA GLN A 248 -10.21 5.04 -15.62
C GLN A 248 -10.02 6.54 -15.40
N ASP A 249 -10.49 7.03 -14.26
CA ASP A 249 -10.37 8.45 -13.91
C ASP A 249 -8.90 8.91 -13.94
N LEU A 250 -7.99 8.11 -13.36
CA LEU A 250 -6.60 8.50 -13.31
C LEU A 250 -6.03 8.58 -14.72
N PHE A 251 -6.25 7.54 -15.51
CA PHE A 251 -5.68 7.47 -16.85
C PHE A 251 -6.23 8.61 -17.72
N GLU A 252 -7.54 8.82 -17.67
CA GLU A 252 -8.17 9.88 -18.50
C GLU A 252 -7.73 11.27 -18.06
N SER A 253 -7.63 11.50 -16.76
CA SER A 253 -7.19 12.83 -16.29
C SER A 253 -5.80 13.19 -16.78
N ILE A 254 -4.86 12.25 -16.71
CA ILE A 254 -3.51 12.50 -17.15
C ILE A 254 -3.46 12.65 -18.67
N ALA A 255 -4.20 11.81 -19.39
CA ALA A 255 -4.27 11.88 -20.85
C ALA A 255 -4.78 13.25 -21.35
N LYS A 256 -5.70 13.86 -20.60
CA LYS A 256 -6.25 15.18 -20.93
C LYS A 256 -5.38 16.38 -20.49
N GLY A 257 -4.30 16.09 -19.79
CA GLY A 257 -3.35 17.09 -19.28
C GLY A 257 -3.71 17.64 -17.90
N ASP A 258 -4.62 16.99 -17.18
CA ASP A 258 -5.03 17.42 -15.85
C ASP A 258 -4.18 16.75 -14.77
N HIS A 259 -2.99 17.26 -14.48
CA HIS A 259 -2.02 16.53 -13.67
C HIS A 259 -2.23 16.74 -12.17
N PRO A 260 -2.59 15.68 -11.48
CA PRO A 260 -2.85 15.82 -10.06
C PRO A 260 -1.57 16.05 -9.24
N LYS A 261 -1.72 16.85 -8.19
CA LYS A 261 -0.64 17.20 -7.32
C LYS A 261 -0.93 16.99 -5.85
N TRP A 262 0.13 16.72 -5.12
CA TRP A 262 0.11 16.63 -3.66
C TRP A 262 1.33 17.43 -3.11
N ASP A 263 1.13 18.18 -2.05
CA ASP A 263 2.24 18.80 -1.33
C ASP A 263 2.70 17.94 -0.18
N LEU A 264 3.98 17.69 -0.07
CA LEU A 264 4.52 16.91 1.03
C LEU A 264 4.88 17.81 2.20
N TYR A 265 4.38 17.43 3.36
CA TYR A 265 4.78 18.02 4.64
C TYR A 265 5.31 16.93 5.55
N ILE A 266 6.23 17.28 6.44
CA ILE A 266 6.66 16.35 7.49
C ILE A 266 6.33 16.91 8.85
N GLN A 267 6.21 16.04 9.83
CA GLN A 267 6.38 16.44 11.24
C GLN A 267 7.74 15.93 11.65
N ALA A 268 8.48 16.70 12.44
CA ALA A 268 9.84 16.36 12.82
C ALA A 268 9.97 16.42 14.34
N ILE A 269 10.20 15.26 14.94
CA ILE A 269 10.33 15.13 16.39
C ILE A 269 11.78 14.90 16.72
N PRO A 270 12.38 15.71 17.60
CA PRO A 270 13.76 15.44 18.00
C PRO A 270 13.88 14.06 18.61
N TYR A 271 15.03 13.45 18.39
CA TYR A 271 15.30 12.07 18.76
C TYR A 271 14.91 11.71 20.17
N GLU A 272 15.35 12.51 21.15
CA GLU A 272 15.08 12.18 22.53
C GLU A 272 13.62 12.34 22.90
N GLU A 273 12.95 13.29 22.25
CA GLU A 273 11.53 13.50 22.55
C GLU A 273 10.66 12.37 22.07
N GLY A 274 11.17 11.57 21.14
CA GLY A 274 10.45 10.38 20.70
C GLY A 274 10.21 9.40 21.80
N LYS A 275 11.11 9.34 22.76
CA LYS A 275 11.03 8.36 23.84
C LYS A 275 10.12 8.80 24.97
N THR A 276 9.82 10.09 25.03
CA THR A 276 9.04 10.63 26.14
C THR A 276 7.70 11.23 25.75
N TYR A 277 7.42 11.39 24.46
CA TYR A 277 6.18 12.04 24.04
C TYR A 277 4.95 11.27 24.62
N ARG A 278 3.89 12.01 24.91
CA ARG A 278 2.70 11.49 25.61
C ARG A 278 1.82 10.52 24.79
N PHE A 279 1.99 10.52 23.47
CA PHE A 279 1.48 9.43 22.62
C PHE A 279 2.71 8.69 22.04
N ASN A 280 2.63 7.37 21.88
CA ASN A 280 3.75 6.60 21.40
C ASN A 280 3.91 6.78 19.88
N PRO A 281 4.96 7.47 19.44
CA PRO A 281 5.17 7.65 17.99
C PRO A 281 5.50 6.35 17.28
N PHE A 282 5.84 5.32 18.03
CA PHE A 282 6.13 4.00 17.45
C PHE A 282 4.95 3.07 17.46
N ASP A 283 3.78 3.62 17.78
CA ASP A 283 2.52 2.90 17.80
C ASP A 283 1.74 3.39 16.59
N LEU A 284 1.56 2.51 15.61
CA LEU A 284 0.95 2.89 14.35
C LEU A 284 -0.54 3.25 14.48
N THR A 285 -1.15 3.00 15.63
CA THR A 285 -2.55 3.38 15.88
C THR A 285 -2.72 4.82 16.36
N LYS A 286 -1.60 5.53 16.50
CA LYS A 286 -1.58 6.90 17.03
C LYS A 286 -1.17 7.92 16.00
N THR A 287 -1.90 9.05 16.00
CA THR A 287 -1.44 10.25 15.33
C THR A 287 -0.67 11.10 16.37
N ILE A 288 0.15 12.00 15.82
CA ILE A 288 0.97 12.94 16.58
C ILE A 288 0.34 14.31 16.36
N SER A 289 0.04 14.99 17.46
CA SER A 289 -0.66 16.27 17.38
C SER A 289 0.14 17.32 16.63
N GLN A 290 -0.53 17.99 15.72
CA GLN A 290 0.02 19.10 14.98
C GLN A 290 0.21 20.36 15.82
N LYS A 291 -0.46 20.45 16.94
CA LYS A 291 -0.17 21.51 17.93
C LYS A 291 1.22 21.32 18.52
N ASP A 292 1.57 20.08 18.87
CA ASP A 292 2.88 19.75 19.44
C ASP A 292 4.01 19.79 18.39
N TYR A 293 3.73 19.25 17.20
CA TYR A 293 4.72 19.14 16.15
C TYR A 293 4.06 19.52 14.83
N PRO A 294 4.20 20.78 14.44
CA PRO A 294 3.54 21.30 13.24
C PRO A 294 4.12 20.74 11.96
N ARG A 295 3.27 20.74 10.95
CA ARG A 295 3.70 20.36 9.61
C ARG A 295 4.65 21.37 8.97
N ILE A 296 5.68 20.84 8.35
CA ILE A 296 6.76 21.60 7.70
C ILE A 296 6.76 21.21 6.24
N LYS A 297 6.64 22.18 5.33
CA LYS A 297 6.57 21.88 3.90
C LYS A 297 7.92 21.42 3.35
N VAL A 298 7.90 20.47 2.41
CA VAL A 298 9.08 19.98 1.75
C VAL A 298 9.08 20.30 0.27
N GLY A 299 7.98 19.95 -0.41
CA GLY A 299 7.88 20.08 -1.86
C GLY A 299 6.58 19.53 -2.41
N THR A 300 6.56 19.34 -3.71
CA THR A 300 5.33 18.99 -4.44
C THR A 300 5.50 17.80 -5.39
N LEU A 301 4.53 16.91 -5.37
CA LEU A 301 4.47 15.72 -6.20
C LEU A 301 3.47 15.97 -7.28
N THR A 302 3.86 15.74 -8.54
CA THR A 302 2.97 15.87 -9.68
C THR A 302 2.96 14.54 -10.44
N LEU A 303 1.78 14.04 -10.81
CA LEU A 303 1.70 12.88 -11.70
C LEU A 303 1.37 13.37 -13.10
N ASN A 304 2.17 12.96 -14.06
CA ASN A 304 2.08 13.52 -15.38
C ASN A 304 2.25 12.58 -16.55
N ARG A 305 2.37 11.27 -16.30
CA ARG A 305 2.62 10.35 -17.39
C ARG A 305 2.00 9.01 -17.12
N ASN A 306 1.15 8.58 -18.04
CA ASN A 306 0.55 7.26 -17.97
C ASN A 306 1.55 6.15 -18.32
N PRO A 307 1.29 4.93 -17.83
CA PRO A 307 2.09 3.80 -18.27
C PRO A 307 1.88 3.50 -19.74
N GLU A 308 2.88 2.94 -20.42
CA GLU A 308 2.63 2.41 -21.76
C GLU A 308 2.21 0.97 -21.72
N ASN A 309 2.52 0.28 -20.61
CA ASN A 309 2.10 -1.10 -20.43
C ASN A 309 1.80 -1.33 -18.95
N HIS A 310 0.52 -1.52 -18.66
CA HIS A 310 0.03 -1.64 -17.31
C HIS A 310 0.68 -2.81 -16.59
N PHE A 311 0.71 -3.96 -17.25
CA PHE A 311 1.25 -5.15 -16.61
C PHE A 311 2.77 -5.04 -16.28
N ALA A 312 3.56 -4.56 -17.23
CA ALA A 312 5.01 -4.47 -17.09
C ALA A 312 5.41 -3.38 -16.14
N GLN A 313 4.67 -2.28 -16.11
CA GLN A 313 5.08 -1.12 -15.36
C GLN A 313 4.37 -0.93 -14.03
N ILE A 314 3.17 -1.47 -13.89
CA ILE A 314 2.36 -1.29 -12.69
C ILE A 314 2.21 -2.63 -11.99
N GLU A 315 1.71 -3.65 -12.69
CA GLU A 315 1.44 -4.93 -12.03
C GLU A 315 2.72 -5.56 -11.55
N SER A 316 3.78 -5.38 -12.31
CA SER A 316 5.09 -6.00 -12.01
C SER A 316 5.98 -5.12 -11.14
N ALA A 317 5.52 -3.91 -10.82
CA ALA A 317 6.25 -3.03 -9.91
C ALA A 317 6.27 -3.70 -8.54
N ALA A 318 7.36 -3.53 -7.82
CA ALA A 318 7.57 -4.20 -6.55
C ALA A 318 8.13 -3.17 -5.57
N PHE A 319 7.24 -2.61 -4.78
CA PHE A 319 7.59 -1.59 -3.81
C PHE A 319 7.95 -2.23 -2.49
N SER A 320 8.88 -1.61 -1.76
CA SER A 320 9.23 -2.15 -0.45
C SER A 320 9.71 -1.10 0.54
N PRO A 321 9.19 -1.08 1.77
CA PRO A 321 9.73 -0.15 2.78
C PRO A 321 11.21 -0.40 3.11
N SER A 322 11.74 -1.57 2.77
CA SER A 322 13.19 -1.83 2.92
C SER A 322 14.04 -0.98 1.97
N ASN A 323 13.42 -0.38 0.97
CA ASN A 323 14.13 0.42 -0.02
C ASN A 323 14.31 1.84 0.54
N THR A 324 15.12 1.91 1.57
CA THR A 324 15.55 3.19 2.13
C THR A 324 16.78 3.66 1.36
N VAL A 325 17.15 4.92 1.60
CA VAL A 325 18.38 5.51 1.04
C VAL A 325 19.10 6.23 2.19
N PRO A 326 20.39 6.47 2.06
CA PRO A 326 21.10 7.19 3.13
C PRO A 326 20.39 8.47 3.53
N GLY A 327 20.26 8.68 4.83
CA GLY A 327 19.53 9.81 5.34
C GLY A 327 18.13 9.49 5.86
N ILE A 328 17.64 8.28 5.51
CA ILE A 328 16.28 7.85 5.86
C ILE A 328 16.39 6.42 6.33
N GLY A 329 15.85 6.16 7.51
CA GLY A 329 15.86 4.85 8.11
C GLY A 329 14.50 4.46 8.62
N LEU A 330 14.41 3.25 9.17
CA LEU A 330 13.21 2.76 9.76
C LEU A 330 13.13 3.28 11.20
N SER A 331 12.27 2.72 12.00
CA SER A 331 12.11 3.15 13.39
C SER A 331 11.71 1.96 14.22
N PRO A 332 11.68 2.11 15.54
CA PRO A 332 11.21 1.02 16.41
C PRO A 332 9.75 0.63 16.29
N ASP A 333 9.02 1.10 15.29
CA ASP A 333 7.63 0.71 15.08
C ASP A 333 7.62 -0.76 14.61
N ARG A 334 7.09 -1.65 15.44
CA ARG A 334 7.12 -3.09 15.15
C ARG A 334 6.49 -3.42 13.80
N MET A 335 5.41 -2.72 13.47
CA MET A 335 4.76 -2.94 12.17
C MET A 335 5.67 -2.62 11.00
N LEU A 336 6.43 -1.53 11.11
CA LEU A 336 7.38 -1.15 10.06
C LEU A 336 8.51 -2.16 9.93
N LEU A 337 9.00 -2.63 11.06
CA LEU A 337 10.08 -3.64 11.07
C LEU A 337 9.64 -4.97 10.42
N GLY A 338 8.38 -5.37 10.61
CA GLY A 338 7.83 -6.53 9.95
C GLY A 338 7.74 -6.34 8.43
N ARG A 339 7.35 -5.15 8.02
CA ARG A 339 7.27 -4.77 6.62
C ARG A 339 8.63 -4.80 5.93
N ALA A 340 9.70 -4.57 6.68
CA ALA A 340 11.02 -4.57 6.08
C ALA A 340 11.37 -5.95 5.50
N PHE A 341 10.83 -7.00 6.11
CA PHE A 341 11.02 -8.34 5.63
C PHE A 341 10.00 -8.77 4.57
N ALA A 342 8.73 -8.41 4.78
CA ALA A 342 7.62 -9.07 4.10
C ALA A 342 7.45 -8.81 2.63
N TYR A 343 7.78 -7.60 2.16
CA TYR A 343 7.48 -7.22 0.79
C TYR A 343 8.39 -7.94 -0.17
N HIS A 344 9.69 -7.83 0.08
CA HIS A 344 10.71 -8.48 -0.73
C HIS A 344 10.42 -9.97 -0.80
N ASP A 345 10.06 -10.57 0.33
CA ASP A 345 9.72 -12.00 0.37
C ASP A 345 8.54 -12.33 -0.56
N ALA A 346 7.46 -11.57 -0.47
CA ALA A 346 6.28 -11.82 -1.29
C ALA A 346 6.64 -11.68 -2.78
N GLN A 347 7.53 -10.75 -3.09
CA GLN A 347 7.87 -10.46 -4.48
C GLN A 347 8.71 -11.49 -5.14
N LEU A 348 9.50 -12.22 -4.37
CA LEU A 348 10.23 -13.36 -4.88
C LEU A 348 9.32 -14.43 -5.41
N TYR A 349 8.19 -14.62 -4.74
CA TYR A 349 7.17 -15.58 -5.17
C TYR A 349 6.30 -15.02 -6.27
N ARG A 350 5.83 -13.79 -6.10
CA ARG A 350 4.88 -13.20 -7.02
C ARG A 350 5.47 -12.96 -8.41
N VAL A 351 6.68 -12.42 -8.46
CA VAL A 351 7.31 -12.04 -9.72
C VAL A 351 8.49 -12.92 -10.02
N GLY A 352 9.42 -13.04 -9.08
CA GLY A 352 10.63 -13.83 -9.27
C GLY A 352 11.83 -13.36 -8.50
N ALA A 353 12.87 -14.21 -8.46
CA ALA A 353 14.08 -13.88 -7.72
C ALA A 353 14.70 -12.59 -8.21
N HIS A 354 14.62 -12.37 -9.52
CA HIS A 354 15.22 -11.18 -10.12
C HIS A 354 14.25 -10.03 -10.40
N VAL A 355 13.24 -9.93 -9.54
CA VAL A 355 12.21 -8.88 -9.65
C VAL A 355 12.85 -7.47 -9.76
N ASN A 356 13.96 -7.26 -9.08
CA ASN A 356 14.62 -5.95 -9.10
C ASN A 356 15.52 -5.68 -10.30
N GLN A 357 15.58 -6.60 -11.26
CA GLN A 357 16.18 -6.37 -12.56
C GLN A 357 15.18 -5.95 -13.63
N LEU A 358 13.90 -6.03 -13.36
CA LEU A 358 12.91 -5.54 -14.33
C LEU A 358 13.02 -4.02 -14.39
N PRO A 359 12.90 -3.48 -15.59
CA PRO A 359 13.15 -2.06 -15.79
C PRO A 359 12.47 -1.13 -14.80
N VAL A 360 11.20 -1.37 -14.49
CA VAL A 360 10.47 -0.49 -13.58
C VAL A 360 11.07 -0.50 -12.15
N ASN A 361 11.71 -1.60 -11.79
CA ASN A 361 12.29 -1.78 -10.46
C ASN A 361 13.78 -1.51 -10.37
N ARG A 362 14.46 -1.30 -11.47
CA ARG A 362 15.90 -0.98 -11.46
C ARG A 362 16.12 0.43 -10.98
N PRO A 363 17.18 0.65 -10.23
CA PRO A 363 17.56 2.03 -9.91
C PRO A 363 18.26 2.70 -11.07
N LYS A 364 18.42 4.01 -10.94
CA LYS A 364 19.10 4.83 -11.94
C LYS A 364 20.61 4.74 -11.82
N ASN A 365 21.08 4.54 -10.59
CA ASN A 365 22.51 4.44 -10.31
C ASN A 365 23.00 3.00 -10.50
N ALA A 366 24.31 2.80 -10.48
CA ALA A 366 24.92 1.51 -10.70
C ALA A 366 24.70 0.56 -9.52
N VAL A 367 24.23 -0.63 -9.80
CA VAL A 367 24.05 -1.63 -8.75
C VAL A 367 25.33 -2.45 -8.72
N HIS A 368 25.90 -2.65 -7.53
CA HIS A 368 27.07 -3.52 -7.34
C HIS A 368 26.77 -4.37 -6.10
N ASN A 369 26.07 -5.49 -6.33
CA ASN A 369 25.40 -6.25 -5.29
C ASN A 369 25.91 -7.68 -5.32
N TYR A 370 26.12 -8.28 -4.16
CA TYR A 370 26.64 -9.67 -4.08
C TYR A 370 25.49 -10.67 -4.15
N ALA A 371 24.95 -10.77 -5.35
CA ALA A 371 23.91 -11.75 -5.68
C ALA A 371 24.14 -12.22 -7.10
N PHE A 372 24.07 -13.52 -7.32
CA PHE A 372 24.45 -14.10 -8.60
C PHE A 372 23.52 -15.23 -8.94
N GLU A 373 23.39 -15.54 -10.24
CA GLU A 373 22.68 -16.74 -10.70
C GLU A 373 21.18 -16.63 -10.37
N GLY A 374 20.48 -17.77 -10.34
CA GLY A 374 19.03 -17.79 -10.22
C GLY A 374 18.34 -17.79 -11.58
N GLN A 375 17.06 -18.13 -11.55
CA GLN A 375 16.25 -18.08 -12.75
C GLN A 375 16.10 -16.68 -13.29
N MET A 376 16.04 -16.60 -14.62
CA MET A 376 15.77 -15.37 -15.35
C MET A 376 16.73 -14.24 -14.98
N TRP A 377 18.02 -14.56 -14.92
CA TRP A 377 19.05 -13.58 -14.63
C TRP A 377 19.41 -12.87 -15.92
N TYR A 378 18.87 -11.69 -16.11
CA TYR A 378 19.01 -10.96 -17.38
C TYR A 378 20.36 -10.25 -17.47
N ASP A 379 20.76 -9.58 -16.41
CA ASP A 379 21.95 -8.72 -16.41
C ASP A 379 23.01 -9.41 -15.54
N HIS A 380 23.85 -10.25 -16.16
CA HIS A 380 24.83 -11.02 -15.38
C HIS A 380 26.05 -10.17 -15.05
N THR A 381 26.87 -10.69 -14.13
CA THR A 381 28.02 -9.97 -13.59
C THR A 381 29.34 -10.40 -14.18
N GLY A 382 29.31 -11.06 -15.34
CA GLY A 382 30.54 -11.52 -15.96
C GLY A 382 31.41 -12.34 -15.02
N ASP A 383 32.71 -12.01 -15.01
CA ASP A 383 33.66 -12.74 -14.18
C ASP A 383 34.00 -12.06 -12.84
N ARG A 384 33.12 -11.17 -12.39
CA ARG A 384 33.26 -10.51 -11.10
C ARG A 384 33.36 -11.57 -9.98
N SER A 385 34.20 -11.27 -8.99
CA SER A 385 34.38 -12.13 -7.84
C SER A 385 33.07 -12.36 -7.10
N THR A 386 32.89 -13.57 -6.63
CA THR A 386 31.65 -13.91 -5.92
C THR A 386 31.79 -13.93 -4.42
N TYR A 387 32.91 -13.47 -3.90
CA TYR A 387 33.19 -13.56 -2.49
C TYR A 387 34.01 -12.34 -2.04
N VAL A 388 34.01 -12.08 -0.72
CA VAL A 388 34.74 -10.94 -0.13
C VAL A 388 35.38 -11.33 1.21
N PRO A 389 36.47 -10.69 1.60
CA PRO A 389 37.30 -9.90 0.69
C PRO A 389 37.86 -10.76 -0.41
N ASN A 390 38.25 -10.11 -1.51
CA ASN A 390 38.94 -10.79 -2.57
C ASN A 390 40.17 -10.00 -2.95
N SER A 391 41.08 -10.66 -3.64
CA SER A 391 42.31 -10.03 -4.11
C SER A 391 42.23 -9.67 -5.58
N ASN A 392 41.02 -9.48 -6.11
CA ASN A 392 40.82 -9.29 -7.55
C ASN A 392 40.36 -7.89 -7.95
N GLY A 393 40.25 -6.99 -7.00
CA GLY A 393 39.83 -5.64 -7.28
C GLY A 393 38.33 -5.43 -7.40
N ASP A 394 37.54 -6.39 -6.92
CA ASP A 394 36.12 -6.22 -6.95
C ASP A 394 35.62 -5.74 -5.58
N SER A 395 35.11 -4.51 -5.52
CA SER A 395 34.88 -3.88 -4.22
C SER A 395 33.73 -4.51 -3.40
N TRP A 396 33.78 -4.24 -2.10
CA TRP A 396 32.74 -4.68 -1.15
C TRP A 396 32.61 -3.60 -0.07
N SER A 397 31.61 -3.76 0.78
CA SER A 397 31.39 -2.84 1.90
C SER A 397 31.83 -3.48 3.20
N ASP A 398 32.41 -2.67 4.09
CA ASP A 398 32.85 -3.20 5.38
C ASP A 398 32.95 -2.07 6.42
N GLU A 399 31.89 -1.31 6.58
CA GLU A 399 31.81 -0.30 7.65
C GLU A 399 31.50 -0.99 8.95
N THR A 400 32.27 -0.68 9.99
CA THR A 400 32.04 -1.31 11.27
C THR A 400 31.62 -0.28 12.30
N GLY A 401 30.90 -0.76 13.29
CA GLY A 401 30.39 0.09 14.34
C GLY A 401 28.92 0.45 14.19
N PRO A 402 28.45 1.27 15.13
CA PRO A 402 27.04 1.70 15.11
C PRO A 402 26.65 2.31 13.77
N VAL A 403 25.46 1.94 13.29
CA VAL A 403 25.01 2.39 11.99
C VAL A 403 24.39 3.78 12.17
N ASP A 404 24.36 4.58 11.13
CA ASP A 404 23.89 5.97 11.26
C ASP A 404 22.37 6.04 11.45
N ASP A 405 21.66 4.98 11.05
CA ASP A 405 20.20 4.95 11.15
C ASP A 405 19.70 3.97 12.18
N GLY A 406 20.41 3.91 13.29
CA GLY A 406 20.09 3.05 14.39
C GLY A 406 19.62 3.76 15.64
N TRP A 407 19.42 2.95 16.65
CA TRP A 407 18.90 3.40 17.92
C TRP A 407 19.24 2.32 18.94
N GLU A 408 18.86 2.55 20.18
CA GLU A 408 19.21 1.71 21.29
C GLU A 408 18.05 0.85 21.71
N ALA A 409 18.38 -0.31 22.28
CA ALA A 409 17.40 -1.18 22.89
C ALA A 409 18.02 -1.93 24.05
N ASP A 410 17.19 -2.33 24.99
CA ASP A 410 17.63 -3.14 26.12
C ASP A 410 16.43 -3.92 26.67
N GLY A 411 16.62 -5.19 26.99
CA GLY A 411 15.55 -5.91 27.62
C GLY A 411 15.73 -7.39 27.44
N THR A 412 14.77 -8.16 27.92
CA THR A 412 14.78 -9.58 27.72
C THR A 412 13.86 -9.93 26.54
N LEU A 413 14.11 -11.04 25.87
CA LEU A 413 13.24 -11.48 24.77
C LEU A 413 11.85 -11.78 25.30
N THR A 414 10.86 -11.12 24.70
CA THR A 414 9.53 -11.18 25.21
C THR A 414 8.52 -11.08 24.08
N ARG A 415 7.30 -11.53 24.35
CA ARG A 415 6.17 -11.25 23.49
C ARG A 415 5.10 -10.56 24.34
N GLU A 416 5.00 -9.25 24.20
CA GLU A 416 4.04 -8.50 24.99
C GLU A 416 3.71 -7.19 24.35
N ALA A 417 2.63 -6.55 24.81
CA ALA A 417 2.25 -5.24 24.28
C ALA A 417 3.27 -4.14 24.60
N GLN A 418 3.35 -3.15 23.73
CA GLN A 418 4.18 -1.98 23.98
C GLN A 418 3.71 -1.27 25.25
N ALA A 419 4.66 -0.71 25.99
CA ALA A 419 4.38 0.04 27.22
C ALA A 419 3.57 1.29 26.84
N LEU A 420 2.60 1.67 27.68
CA LEU A 420 1.78 2.84 27.42
C LEU A 420 2.47 4.14 27.80
N ARG A 421 2.42 5.12 26.92
CA ARG A 421 2.77 6.48 27.27
C ARG A 421 1.64 7.12 28.07
N ALA A 422 1.88 8.33 28.57
CA ALA A 422 0.92 9.01 29.44
C ALA A 422 -0.50 9.03 28.91
N ASP A 423 -0.65 9.32 27.64
CA ASP A 423 -1.98 9.47 27.08
C ASP A 423 -2.40 8.36 26.06
N ASP A 424 -1.63 7.28 26.01
CA ASP A 424 -1.96 6.15 25.13
C ASP A 424 -3.17 5.41 25.67
N ASP A 425 -4.09 5.10 24.79
CA ASP A 425 -5.10 4.07 25.02
C ASP A 425 -5.65 3.68 23.61
N ASP A 426 -6.66 2.81 23.57
CA ASP A 426 -7.20 2.31 22.29
C ASP A 426 -8.29 3.20 21.69
N PHE A 427 -8.92 4.02 22.52
CA PHE A 427 -10.16 4.68 22.14
C PHE A 427 -10.15 6.19 22.08
N GLY A 428 -9.21 6.84 22.75
CA GLY A 428 -9.21 8.28 22.90
C GLY A 428 -9.11 9.09 21.63
N GLN A 429 -8.19 8.68 20.76
CA GLN A 429 -8.01 9.41 19.51
C GLN A 429 -9.20 9.22 18.57
N ALA A 430 -9.77 8.02 18.55
CA ALA A 430 -10.98 7.76 17.77
C ALA A 430 -12.16 8.66 18.21
N GLY A 431 -12.22 8.83 19.53
CA GLY A 431 -13.27 9.61 20.13
C GLY A 431 -13.18 11.01 19.58
N THR A 432 -11.92 11.47 19.53
CA THR A 432 -11.59 12.91 19.30
C THR A 432 -12.04 13.17 17.88
N LEU A 433 -11.79 12.18 17.05
CA LEU A 433 -12.22 12.22 15.66
C LEU A 433 -13.73 12.39 15.57
N VAL A 434 -14.47 11.54 16.26
CA VAL A 434 -15.93 11.55 16.21
C VAL A 434 -16.52 12.82 16.82
N ARG A 435 -15.98 13.25 17.95
CA ARG A 435 -16.56 14.36 18.70
C ARG A 435 -16.19 15.72 18.18
N GLU A 436 -14.93 15.88 17.82
CA GLU A 436 -14.33 17.19 17.60
C GLU A 436 -14.06 17.48 16.13
N VAL A 437 -13.74 16.46 15.34
CA VAL A 437 -13.34 16.67 13.94
C VAL A 437 -14.51 16.56 13.00
N PHE A 438 -15.28 15.49 13.10
CA PHE A 438 -16.48 15.32 12.29
C PHE A 438 -17.46 16.46 12.52
N SER A 439 -18.17 16.83 11.46
CA SER A 439 -19.33 17.72 11.57
C SER A 439 -20.56 16.94 12.00
N ASP A 440 -21.64 17.65 12.28
CA ASP A 440 -22.90 16.99 12.61
C ASP A 440 -23.35 16.06 11.50
N GLN A 441 -23.26 16.53 10.26
CA GLN A 441 -23.72 15.73 9.12
C GLN A 441 -22.85 14.48 8.98
N GLU A 442 -21.54 14.63 9.20
CA GLU A 442 -20.62 13.49 9.12
C GLU A 442 -20.93 12.48 10.22
N ARG A 443 -21.30 12.97 11.40
CA ARG A 443 -21.69 12.06 12.49
C ARG A 443 -22.97 11.28 12.15
N ASP A 444 -23.94 11.97 11.56
CA ASP A 444 -25.20 11.34 11.12
C ASP A 444 -24.89 10.23 10.10
N ASP A 445 -24.03 10.53 9.13
CA ASP A 445 -23.67 9.57 8.09
C ASP A 445 -22.93 8.40 8.70
N PHE A 446 -22.08 8.71 9.67
CA PHE A 446 -21.23 7.70 10.34
C PHE A 446 -22.11 6.68 11.04
N VAL A 447 -23.13 7.17 11.73
CA VAL A 447 -24.07 6.27 12.41
C VAL A 447 -24.75 5.33 11.40
N GLU A 448 -25.20 5.85 10.27
CA GLU A 448 -25.85 5.04 9.25
C GLU A 448 -24.92 4.02 8.62
N THR A 449 -23.65 4.41 8.40
CA THR A 449 -22.62 3.51 7.92
C THR A 449 -22.33 2.36 8.87
N VAL A 450 -22.03 2.68 10.14
CA VAL A 450 -21.69 1.68 11.12
C VAL A 450 -22.87 0.75 11.39
N ALA A 451 -24.08 1.31 11.51
CA ALA A 451 -25.26 0.49 11.74
C ALA A 451 -25.49 -0.47 10.56
N GLY A 452 -25.31 0.06 9.35
CA GLY A 452 -25.37 -0.72 8.15
C GLY A 452 -24.36 -1.85 8.10
N ALA A 453 -23.12 -1.54 8.50
CA ALA A 453 -22.06 -2.53 8.52
C ALA A 453 -22.32 -3.64 9.52
N LEU A 454 -23.17 -3.37 10.52
CA LEU A 454 -23.52 -4.34 11.57
C LEU A 454 -24.82 -5.13 11.29
N LYS A 455 -25.50 -4.76 10.21
CA LYS A 455 -26.78 -5.40 9.88
C LYS A 455 -26.54 -6.85 9.51
N GLY A 456 -27.24 -7.75 10.19
CA GLY A 456 -27.13 -9.17 9.88
C GLY A 456 -25.96 -9.84 10.57
N VAL A 457 -25.15 -9.06 11.31
CA VAL A 457 -24.04 -9.61 12.07
C VAL A 457 -24.55 -10.45 13.24
N ARG A 458 -23.87 -11.57 13.48
CA ARG A 458 -24.27 -12.47 14.55
C ARG A 458 -24.40 -11.74 15.88
N GLN A 459 -25.50 -12.02 16.60
CA GLN A 459 -25.89 -11.16 17.74
C GLN A 459 -24.85 -10.97 18.83
N ASP A 460 -24.15 -12.03 19.18
CA ASP A 460 -23.07 -11.95 20.16
C ASP A 460 -21.95 -10.97 19.71
N VAL A 461 -21.63 -11.00 18.41
CA VAL A 461 -20.64 -10.08 17.86
C VAL A 461 -21.20 -8.64 17.83
N GLN A 462 -22.49 -8.47 17.50
CA GLN A 462 -23.11 -7.14 17.55
C GLN A 462 -23.03 -6.54 18.94
N ALA A 463 -23.29 -7.39 19.95
CA ALA A 463 -23.27 -6.93 21.32
C ALA A 463 -21.87 -6.41 21.69
N ARG A 464 -20.85 -7.15 21.30
CA ARG A 464 -19.49 -6.65 21.54
C ARG A 464 -19.19 -5.36 20.77
N ALA A 465 -19.73 -5.24 19.56
CA ALA A 465 -19.58 -4.01 18.81
C ALA A 465 -20.21 -2.82 19.48
N PHE A 466 -21.37 -3.02 20.14
CA PHE A 466 -21.98 -1.88 20.84
C PHE A 466 -21.07 -1.37 21.95
N GLU A 467 -20.43 -2.27 22.69
CA GLU A 467 -19.53 -1.89 23.81
C GLU A 467 -18.33 -1.15 23.21
N TYR A 468 -17.82 -1.66 22.10
CA TYR A 468 -16.67 -1.06 21.40
C TYR A 468 -16.98 0.39 21.00
N TRP A 469 -18.14 0.61 20.38
CA TRP A 469 -18.50 1.95 19.93
C TRP A 469 -18.80 2.88 21.09
N LYS A 470 -19.43 2.38 22.14
CA LYS A 470 -19.60 3.19 23.33
C LYS A 470 -18.29 3.62 24.00
N ASN A 471 -17.25 2.81 23.87
CA ASN A 471 -15.91 3.19 24.37
C ASN A 471 -15.28 4.30 23.57
N VAL A 472 -15.59 4.34 22.28
CA VAL A 472 -15.17 5.42 21.43
C VAL A 472 -15.88 6.68 21.86
N ASP A 473 -17.22 6.62 21.92
CA ASP A 473 -18.03 7.76 22.31
C ASP A 473 -19.42 7.27 22.76
N ALA A 474 -19.80 7.62 23.98
CA ALA A 474 -21.05 7.11 24.57
C ALA A 474 -22.27 7.47 23.75
N THR A 475 -22.31 8.69 23.20
CA THR A 475 -23.47 9.14 22.46
C THR A 475 -23.57 8.49 21.11
N ILE A 476 -22.46 8.46 20.37
CA ILE A 476 -22.46 7.82 19.07
C ILE A 476 -22.75 6.34 19.19
N GLY A 477 -22.19 5.72 20.22
CA GLY A 477 -22.36 4.31 20.47
C GLY A 477 -23.83 3.96 20.74
N GLN A 478 -24.50 4.79 21.51
CA GLN A 478 -25.95 4.59 21.73
C GLN A 478 -26.77 4.78 20.49
N ARG A 479 -26.43 5.77 19.69
CA ARG A 479 -27.11 6.01 18.43
C ARG A 479 -26.96 4.83 17.47
N ILE A 480 -25.75 4.27 17.42
CA ILE A 480 -25.51 3.09 16.58
C ILE A 480 -26.34 1.89 17.07
N GLU A 481 -26.29 1.63 18.37
CA GLU A 481 -27.03 0.55 19.01
C GLU A 481 -28.53 0.65 18.68
N ASP A 482 -29.08 1.83 18.83
CA ASP A 482 -30.53 2.06 18.60
C ASP A 482 -30.89 1.76 17.16
N GLU A 483 -30.06 2.21 16.24
CA GLU A 483 -30.31 1.96 14.84
C GLU A 483 -30.15 0.48 14.47
N VAL A 484 -29.15 -0.20 15.01
CA VAL A 484 -28.97 -1.61 14.77
C VAL A 484 -30.16 -2.44 15.31
N LYS A 485 -30.64 -2.08 16.50
CA LYS A 485 -31.80 -2.80 17.09
C LYS A 485 -33.08 -2.61 16.30
N ARG A 486 -33.17 -1.54 15.53
CA ARG A 486 -34.27 -1.30 14.58
C ARG A 486 -34.00 -1.83 13.17
N HIS A 487 -32.86 -2.46 12.95
CA HIS A 487 -32.47 -3.04 11.65
C HIS A 487 -32.41 -1.94 10.59
N GLU A 488 -31.89 -0.77 10.93
CA GLU A 488 -31.71 0.28 9.93
C GLU A 488 -30.22 0.43 9.61
N GLY A 489 -29.95 1.18 8.56
CA GLY A 489 -28.56 1.49 8.21
C GLY A 489 -28.31 1.33 6.74
N ASP A 490 -27.20 1.88 6.26
CA ASP A 490 -26.86 1.83 4.83
C ASP A 490 -26.37 0.47 4.41
N GLY A 491 -26.55 0.18 3.12
CA GLY A 491 -25.85 -0.95 2.51
C GLY A 491 -24.39 -0.50 2.31
N ILE A 492 -23.41 -1.35 2.61
CA ILE A 492 -22.00 -0.98 2.52
C ILE A 492 -21.39 -1.63 1.25
N PRO A 493 -20.84 -0.85 0.34
CA PRO A 493 -20.30 -1.43 -0.88
C PRO A 493 -19.18 -2.39 -0.58
N GLY A 494 -19.36 -3.63 -1.02
CA GLY A 494 -18.35 -4.66 -0.93
C GLY A 494 -18.55 -5.73 0.12
N VAL A 495 -19.53 -5.57 1.00
CA VAL A 495 -19.66 -6.51 2.11
C VAL A 495 -21.07 -6.52 2.71
N GLU A 496 -21.43 -7.68 3.25
CA GLU A 496 -22.68 -7.80 4.01
C GLU A 496 -22.55 -8.97 4.97
N ALA A 497 -23.61 -9.21 5.71
CA ALA A 497 -23.58 -10.26 6.72
C ALA A 497 -24.84 -11.07 6.63
N GLY A 498 -24.86 -12.21 7.30
CA GLY A 498 -26.10 -12.95 7.50
C GLY A 498 -26.37 -13.96 6.40
N GLY A 499 -27.36 -14.81 6.67
CA GLY A 499 -27.76 -15.80 5.68
C GLY A 499 -27.02 -17.10 5.85
N GLU A 500 -27.48 -18.09 5.11
CA GLU A 500 -26.99 -19.47 5.29
C GLU A 500 -25.56 -19.70 4.82
N ALA A 501 -24.98 -18.75 4.08
CA ALA A 501 -23.64 -18.92 3.53
C ALA A 501 -22.58 -18.16 4.34
N ARG A 502 -23.01 -17.58 5.45
CA ARG A 502 -22.13 -16.76 6.29
C ARG A 502 -22.27 -17.15 7.75
N ILE A 503 -21.45 -16.53 8.60
CA ILE A 503 -21.43 -16.89 10.05
C ILE A 503 -22.73 -16.42 10.72
CHA HEM B . 1.18 -4.36 -0.12
CHB HEM B . 2.56 -6.68 3.86
CHC HEM B . 1.13 -2.91 6.51
CHD HEM B . 0.75 -0.28 2.48
C1A HEM B . 1.65 -5.32 0.69
C2A HEM B . 2.16 -6.63 0.31
C3A HEM B . 2.55 -7.25 1.41
C4A HEM B . 2.28 -6.40 2.54
CMA HEM B . 3.18 -8.65 1.53
CAA HEM B . 2.28 -7.13 -1.14
CBA HEM B . 3.65 -6.71 -1.70
CGA HEM B . 3.87 -7.20 -3.12
O1A HEM B . 3.41 -8.33 -3.41
O2A HEM B . 4.49 -6.48 -3.92
C1B HEM B . 2.34 -5.86 4.92
C2B HEM B . 2.60 -6.17 6.31
C3B HEM B . 2.17 -5.15 7.02
C4B HEM B . 1.64 -4.13 6.13
CMB HEM B . 3.22 -7.48 6.79
CAB HEM B . 2.22 -4.97 8.55
CBB HEM B . 3.15 -5.55 9.29
C1C HEM B . 0.98 -1.82 5.68
C2C HEM B . 0.86 -0.43 6.06
C3C HEM B . 0.81 0.28 4.93
C4C HEM B . 0.85 -0.63 3.80
CMC HEM B . 0.83 0.08 7.50
CAC HEM B . 0.71 1.77 4.77
CBC HEM B . 1.43 2.56 5.59
C1D HEM B . 0.74 -1.16 1.44
C2D HEM B . 0.58 -0.76 0.08
C3D HEM B . 0.70 -1.98 -0.73
C4D HEM B . 0.96 -3.04 0.21
CMD HEM B . 0.26 0.63 -0.44
CAD HEM B . 0.59 -2.03 -2.22
CBD HEM B . 1.92 -1.68 -2.85
CGD HEM B . 1.69 -1.70 -4.36
O1D HEM B . 2.32 -2.53 -5.04
O2D HEM B . 0.87 -0.87 -4.82
NA HEM B . 1.71 -5.24 2.08
NB HEM B . 1.75 -4.59 4.84
NC HEM B . 0.94 -1.88 4.30
ND HEM B . 0.97 -2.49 1.47
FE HEM B . 1.54 -3.49 3.16
PA NDP C . -9.03 19.60 10.88
O1A NDP C . -10.14 19.83 11.86
O2A NDP C . -9.51 19.87 9.42
O5B NDP C . -8.61 18.04 11.10
C5B NDP C . -8.02 17.53 12.31
C4B NDP C . -7.32 16.22 11.92
O4B NDP C . -8.33 15.43 11.41
C3B NDP C . -6.39 16.62 10.84
O3B NDP C . -5.19 15.95 11.18
C2B NDP C . -7.08 16.12 9.56
O2B NDP C . -6.16 15.42 8.75
C1B NDP C . -8.04 15.07 10.08
N9A NDP C . -9.35 14.97 9.43
C8A NDP C . -10.19 15.95 9.01
N7A NDP C . -11.32 15.41 8.53
C5A NDP C . -11.21 14.06 8.70
C6A NDP C . -12.06 13.00 8.40
N6A NDP C . -13.30 13.20 7.94
N1A NDP C . -11.62 11.74 8.68
C2A NDP C . -10.39 11.53 9.24
N3A NDP C . -9.56 12.58 9.53
C4A NDP C . -9.97 13.80 9.24
O3 NDP C . -8.40 20.83 11.67
O1N NDP C . -7.86 23.24 12.00
O2N NDP C . -6.29 21.93 10.67
O5D NDP C . -6.58 21.41 13.18
C5D NDP C . -7.27 21.89 14.37
C4D NDP C . -6.78 21.06 15.55
O4D NDP C . -6.91 19.67 15.15
C3D NDP C . -5.27 21.24 15.86
O3D NDP C . -5.20 22.18 16.92
C2D NDP C . -4.87 19.85 16.33
O2D NDP C . -4.82 19.72 17.74
C1D NDP C . -5.84 18.91 15.66
N1N NDP C . -5.23 18.16 14.57
C2N NDP C . -4.64 18.87 13.58
C3N NDP C . -4.02 18.20 12.55
C7N NDP C . -3.26 18.88 11.36
O7N NDP C . -2.60 18.26 10.52
N7N NDP C . -3.36 20.23 11.35
C4N NDP C . -3.99 16.79 12.47
C5N NDP C . -4.68 16.16 13.49
C6N NDP C . -5.32 16.76 14.56
P2B NDP C . -5.50 16.05 7.44
O1X NDP C . -6.42 16.01 6.33
O2X NDP C . -4.27 15.15 7.25
O3X NDP C . -5.09 17.49 7.69
S SO4 D . -4.29 16.98 15.06
O1 SO4 D . -5.44 17.62 14.44
O2 SO4 D . -4.71 15.81 15.82
O3 SO4 D . -3.61 17.93 15.94
O4 SO4 D . -3.37 16.58 14.00
C ACT E . -2.25 -2.96 3.99
O ACT E . -1.37 -3.74 3.57
OXT ACT E . -2.08 -1.74 3.79
CH3 ACT E . -3.48 -3.48 4.68
C ACT F . -9.00 -2.82 5.03
O ACT F . -9.19 -3.97 4.58
OXT ACT F . -10.00 -2.07 5.28
CH3 ACT F . -7.55 -2.42 5.24
#